data_5ZKN
#
_entry.id   5ZKN
#
_cell.length_a   47.515
_cell.length_b   75.347
_cell.length_c   135.882
_cell.angle_alpha   90.000
_cell.angle_beta   90.000
_cell.angle_gamma   90.000
#
_symmetry.space_group_name_H-M   'I 2 2 2'
#
loop_
_entity.id
_entity.type
_entity.pdbx_description
1 polymer 'Putative N-acetylmannosamine-6-phosphate 2-epimerase'
2 non-polymer 'CHLORIDE ION'
3 water water
#
_entity_poly.entity_id   1
_entity_poly.type   'polypeptide(L)'
_entity_poly.pdbx_seq_one_letter_code
;MHHHHHHITSLYKKAGFMNKILESIRGKLIVSCQALEDEPLHSSFIMGRMAYAAYSGGAAGIRANTVEDIKEIKKNVSLP
IIGIIKKVYNNSDVYITPTIKEVEDLINEGVQIIAIDATKRERPDRKDLKNFIAEIKEKYPNQLFMADISSVDEALYAEK
IGFDIVGTTLVGYTDYTKNYKALEELKKVVKVVKIPVIAEGNIDTPLKAKKALEIGAFAVVVGGAITRPQQITKKFVDEM
K
;
_entity_poly.pdbx_strand_id   A
#
# COMPACT_ATOMS: atom_id res chain seq x y z
N PHE A 17 8.91 -17.56 8.18
CA PHE A 17 7.51 -17.69 7.78
C PHE A 17 6.93 -16.35 7.33
N MET A 18 7.20 -15.31 8.12
CA MET A 18 7.03 -13.96 7.61
C MET A 18 8.19 -13.57 6.69
N ASN A 19 9.33 -14.25 6.82
CA ASN A 19 10.43 -14.10 5.87
C ASN A 19 10.06 -14.61 4.49
N LYS A 20 9.37 -15.76 4.43
CA LYS A 20 9.00 -16.32 3.13
C LYS A 20 8.07 -15.40 2.37
N ILE A 21 7.25 -14.61 3.08
CA ILE A 21 6.35 -13.66 2.43
C ILE A 21 7.15 -12.57 1.72
N LEU A 22 8.21 -12.08 2.36
CA LEU A 22 8.98 -10.97 1.81
C LEU A 22 9.94 -11.42 0.73
N GLU A 23 10.44 -12.66 0.80
CA GLU A 23 11.25 -13.15 -0.31
C GLU A 23 10.40 -13.32 -1.57
N SER A 24 9.13 -13.73 -1.41
CA SER A 24 8.27 -13.91 -2.57
C SER A 24 7.97 -12.59 -3.31
N ILE A 25 8.20 -11.41 -2.70
CA ILE A 25 7.99 -10.15 -3.40
C ILE A 25 9.29 -9.39 -3.67
N ARG A 26 10.42 -9.87 -3.14
CA ARG A 26 11.70 -9.17 -3.27
C ARG A 26 12.02 -8.88 -4.74
N GLY A 27 12.30 -7.60 -5.03
CA GLY A 27 12.60 -7.19 -6.39
C GLY A 27 11.49 -7.37 -7.41
N LYS A 28 10.25 -7.58 -6.96
CA LYS A 28 9.14 -7.89 -7.87
C LYS A 28 8.08 -6.78 -7.87
N LEU A 29 7.09 -6.97 -8.74
CA LEU A 29 5.99 -6.03 -8.91
C LEU A 29 4.77 -6.46 -8.10
N ILE A 30 4.22 -5.54 -7.33
CA ILE A 30 2.91 -5.70 -6.71
C ILE A 30 1.94 -4.76 -7.42
N VAL A 31 0.75 -5.26 -7.76
CA VAL A 31 -0.26 -4.48 -8.48
C VAL A 31 -1.41 -4.20 -7.52
N SER A 32 -1.74 -2.92 -7.37
CA SER A 32 -2.84 -2.50 -6.52
C SER A 32 -4.13 -2.55 -7.33
N CYS A 33 -5.08 -3.36 -6.88
CA CYS A 33 -6.35 -3.60 -7.55
C CYS A 33 -7.45 -2.97 -6.70
N GLN A 34 -7.69 -1.69 -6.92
CA GLN A 34 -8.67 -0.96 -6.14
C GLN A 34 -9.59 -0.17 -7.06
N ALA A 35 -10.84 -0.06 -6.63
CA ALA A 35 -11.84 0.76 -7.30
C ALA A 35 -12.87 1.11 -6.23
N LEU A 36 -12.76 2.30 -5.67
CA LEU A 36 -13.75 2.78 -4.71
C LEU A 36 -15.10 3.02 -5.41
N GLU A 37 -16.06 3.53 -4.62
CA GLU A 37 -17.47 3.53 -5.01
C GLU A 37 -17.74 4.45 -6.20
N ASP A 38 -17.08 5.60 -6.23
CA ASP A 38 -17.28 6.55 -7.33
C ASP A 38 -16.82 6.00 -8.68
N GLU A 39 -15.86 4.88 -8.69
CA GLU A 39 -14.99 4.54 -9.81
C GLU A 39 -15.65 3.55 -10.77
N PRO A 40 -15.27 3.67 -12.06
CA PRO A 40 -15.87 2.84 -13.11
C PRO A 40 -15.96 1.35 -12.81
N LEU A 41 -14.90 0.73 -12.30
CA LEU A 41 -14.86 -0.72 -12.13
C LEU A 41 -15.11 -1.16 -10.71
N HIS A 42 -15.74 -0.33 -9.87
CA HIS A 42 -16.08 -0.75 -8.52
C HIS A 42 -16.94 -2.00 -8.55
N SER A 43 -16.38 -3.11 -8.06
CA SER A 43 -16.99 -4.43 -8.07
C SER A 43 -15.95 -5.44 -7.60
N SER A 44 -16.30 -6.23 -6.59
CA SER A 44 -15.36 -7.26 -6.11
C SER A 44 -15.03 -8.24 -7.22
N PHE A 45 -16.05 -8.62 -8.03
CA PHE A 45 -15.80 -9.52 -9.16
C PHE A 45 -14.68 -9.01 -10.07
N ILE A 46 -14.77 -7.74 -10.48
CA ILE A 46 -13.79 -7.18 -11.41
C ILE A 46 -12.40 -7.10 -10.77
N MET A 47 -12.35 -6.74 -9.49
CA MET A 47 -11.04 -6.63 -8.84
C MET A 47 -10.38 -8.00 -8.73
N GLY A 48 -11.18 -9.06 -8.53
CA GLY A 48 -10.66 -10.41 -8.63
C GLY A 48 -10.07 -10.70 -9.98
N ARG A 49 -10.77 -10.30 -11.06
CA ARG A 49 -10.22 -10.59 -12.38
C ARG A 49 -9.01 -9.70 -12.68
N MET A 50 -9.00 -8.45 -12.17
CA MET A 50 -7.81 -7.62 -12.32
C MET A 50 -6.60 -8.28 -11.65
N ALA A 51 -6.79 -8.82 -10.45
CA ALA A 51 -5.70 -9.55 -9.78
C ALA A 51 -5.22 -10.71 -10.65
N TYR A 52 -6.15 -11.48 -11.20
CA TYR A 52 -5.76 -12.56 -12.10
C TYR A 52 -4.96 -12.05 -13.30
N ALA A 53 -5.35 -10.90 -13.84
CA ALA A 53 -4.63 -10.32 -14.98
C ALA A 53 -3.22 -9.88 -14.58
N ALA A 54 -3.08 -9.24 -13.42
CA ALA A 54 -1.73 -8.89 -12.96
C ALA A 54 -0.87 -10.15 -12.81
N TYR A 55 -1.44 -11.20 -12.22
CA TYR A 55 -0.73 -12.47 -12.13
C TYR A 55 -0.34 -13.01 -13.50
N SER A 56 -1.29 -13.03 -14.46
CA SER A 56 -0.94 -13.54 -15.79
C SER A 56 0.16 -12.70 -16.44
N GLY A 57 0.27 -11.42 -16.09
CA GLY A 57 1.30 -10.55 -16.65
C GLY A 57 2.65 -10.67 -15.95
N GLY A 58 2.71 -11.38 -14.83
CA GLY A 58 3.95 -11.59 -14.12
C GLY A 58 4.07 -10.90 -12.78
N ALA A 59 3.01 -10.28 -12.27
CA ALA A 59 3.04 -9.69 -10.94
C ALA A 59 3.29 -10.76 -9.87
N ALA A 60 3.82 -10.33 -8.72
CA ALA A 60 4.12 -11.24 -7.61
C ALA A 60 3.34 -10.95 -6.35
N GLY A 61 2.57 -9.87 -6.31
CA GLY A 61 1.67 -9.64 -5.18
C GLY A 61 0.57 -8.68 -5.60
N ILE A 62 -0.44 -8.61 -4.74
CA ILE A 62 -1.61 -7.76 -4.94
C ILE A 62 -1.78 -6.89 -3.70
N ARG A 63 -2.05 -5.61 -3.90
CA ARG A 63 -2.56 -4.74 -2.84
C ARG A 63 -4.05 -4.53 -3.08
N ALA A 64 -4.85 -4.61 -2.01
CA ALA A 64 -6.30 -4.68 -2.16
C ALA A 64 -7.01 -4.00 -0.99
N ASN A 65 -8.20 -3.47 -1.27
CA ASN A 65 -8.96 -2.70 -0.29
C ASN A 65 -10.33 -3.33 -0.07
N THR A 66 -10.75 -3.39 1.20
CA THR A 66 -12.01 -3.96 1.68
C THR A 66 -11.99 -5.48 1.65
N VAL A 67 -12.79 -6.09 2.53
CA VAL A 67 -12.78 -7.52 2.72
C VAL A 67 -13.48 -8.22 1.55
N GLU A 68 -14.54 -7.61 1.02
CA GLU A 68 -15.24 -8.23 -0.10
C GLU A 68 -14.33 -8.32 -1.34
N ASP A 69 -13.49 -7.30 -1.58
CA ASP A 69 -12.53 -7.39 -2.69
C ASP A 69 -11.45 -8.43 -2.41
N ILE A 70 -10.89 -8.41 -1.19
CA ILE A 70 -9.83 -9.35 -0.80
C ILE A 70 -10.31 -10.79 -0.96
N LYS A 71 -11.53 -11.08 -0.48
CA LYS A 71 -12.11 -12.42 -0.61
C LYS A 71 -12.17 -12.86 -2.06
N GLU A 72 -12.74 -12.03 -2.93
CA GLU A 72 -12.84 -12.36 -4.34
C GLU A 72 -11.45 -12.54 -4.96
N ILE A 73 -10.49 -11.68 -4.58
CA ILE A 73 -9.13 -11.81 -5.10
C ILE A 73 -8.52 -13.15 -4.70
N LYS A 74 -8.83 -13.63 -3.48
CA LYS A 74 -8.31 -14.91 -3.03
C LYS A 74 -8.83 -16.08 -3.85
N LYS A 75 -9.99 -15.92 -4.50
CA LYS A 75 -10.53 -16.97 -5.36
C LYS A 75 -9.78 -17.07 -6.68
N ASN A 76 -9.10 -16.00 -7.09
CA ASN A 76 -8.47 -15.89 -8.39
C ASN A 76 -6.96 -16.14 -8.38
N VAL A 77 -6.26 -15.72 -7.33
CA VAL A 77 -4.81 -15.82 -7.27
C VAL A 77 -4.43 -16.34 -5.89
N SER A 78 -3.28 -17.00 -5.83
CA SER A 78 -2.68 -17.30 -4.53
C SER A 78 -1.44 -16.45 -4.28
N LEU A 79 -1.35 -15.31 -4.95
CA LEU A 79 -0.31 -14.34 -4.67
C LEU A 79 -0.51 -13.75 -3.26
N PRO A 80 0.57 -13.32 -2.63
CA PRO A 80 0.42 -12.61 -1.35
C PRO A 80 -0.33 -11.30 -1.55
N ILE A 81 -1.12 -10.93 -0.54
CA ILE A 81 -1.97 -9.73 -0.57
C ILE A 81 -1.52 -8.77 0.52
N ILE A 82 -1.26 -7.51 0.13
CA ILE A 82 -1.26 -6.40 1.08
C ILE A 82 -2.71 -5.94 1.21
N GLY A 83 -3.28 -6.10 2.41
CA GLY A 83 -4.66 -5.74 2.66
C GLY A 83 -4.79 -4.43 3.43
N ILE A 84 -5.72 -3.60 2.98
CA ILE A 84 -6.09 -2.36 3.67
C ILE A 84 -7.60 -2.30 3.76
N ILE A 85 -8.08 -1.38 4.59
CA ILE A 85 -9.47 -0.95 4.57
C ILE A 85 -9.46 0.57 4.63
N LYS A 86 -9.82 1.22 3.54
CA LYS A 86 -9.96 2.66 3.55
C LYS A 86 -11.33 3.01 4.13
N LYS A 87 -11.34 3.76 5.23
CA LYS A 87 -12.57 4.30 5.77
C LYS A 87 -12.30 5.73 6.23
N VAL A 88 -13.14 6.66 5.80
CA VAL A 88 -12.94 8.07 6.10
C VAL A 88 -13.86 8.44 7.26
N TYR A 89 -13.26 8.80 8.39
CA TYR A 89 -13.96 9.38 9.52
C TYR A 89 -13.90 10.90 9.41
N ASN A 90 -14.91 11.56 9.97
CA ASN A 90 -14.96 13.02 9.90
C ASN A 90 -14.02 13.69 10.91
N ASN A 91 -13.25 12.92 11.68
CA ASN A 91 -12.31 13.48 12.64
C ASN A 91 -10.94 13.74 12.03
N SER A 92 -10.57 12.98 11.01
CA SER A 92 -9.17 12.80 10.65
C SER A 92 -9.03 12.63 9.13
N ASP A 93 -7.87 13.04 8.62
CA ASP A 93 -7.48 12.70 7.26
C ASP A 93 -6.74 11.36 7.18
N VAL A 94 -6.55 10.68 8.30
CA VAL A 94 -6.01 9.31 8.34
C VAL A 94 -7.16 8.36 8.02
N TYR A 95 -7.07 7.65 6.89
CA TYR A 95 -8.18 6.81 6.44
C TYR A 95 -7.73 5.43 5.93
N ILE A 96 -6.44 5.20 5.76
CA ILE A 96 -5.93 3.88 5.35
C ILE A 96 -5.75 3.04 6.61
N THR A 97 -6.63 2.03 6.77
CA THR A 97 -6.72 1.17 7.94
C THR A 97 -6.51 1.98 9.23
N PRO A 98 -7.37 2.99 9.48
CA PRO A 98 -7.03 4.01 10.49
C PRO A 98 -7.17 3.58 11.95
N THR A 99 -8.20 2.79 12.31
CA THR A 99 -8.43 2.44 13.72
C THR A 99 -8.08 0.96 13.97
N ILE A 100 -8.39 0.52 15.19
CA ILE A 100 -8.21 -0.90 15.49
C ILE A 100 -9.31 -1.73 14.84
N LYS A 101 -10.47 -1.11 14.57
CA LYS A 101 -11.61 -1.83 14.00
C LYS A 101 -11.29 -2.39 12.61
N GLU A 102 -10.63 -1.60 11.76
CA GLU A 102 -10.27 -2.12 10.44
C GLU A 102 -9.23 -3.22 10.54
N VAL A 103 -8.29 -3.10 11.48
CA VAL A 103 -7.24 -4.13 11.60
C VAL A 103 -7.88 -5.48 11.87
N GLU A 104 -8.88 -5.52 12.76
CA GLU A 104 -9.50 -6.79 13.14
C GLU A 104 -10.27 -7.40 11.97
N ASP A 105 -11.03 -6.58 11.23
CA ASP A 105 -11.72 -7.11 10.05
C ASP A 105 -10.74 -7.76 9.09
N LEU A 106 -9.53 -7.18 8.91
CA LEU A 106 -8.53 -7.77 8.03
C LEU A 106 -7.89 -9.02 8.66
N ILE A 107 -7.59 -8.95 9.96
CA ILE A 107 -7.09 -10.14 10.67
C ILE A 107 -8.08 -11.29 10.55
N ASN A 108 -9.38 -11.00 10.69
CA ASN A 108 -10.41 -12.04 10.57
C ASN A 108 -10.41 -12.68 9.18
N GLU A 109 -10.26 -11.87 8.13
CA GLU A 109 -10.23 -12.43 6.77
C GLU A 109 -8.89 -13.09 6.48
N GLY A 110 -7.80 -12.56 7.03
CA GLY A 110 -6.47 -13.11 6.83
C GLY A 110 -5.77 -12.58 5.60
N VAL A 111 -4.79 -11.71 5.79
CA VAL A 111 -3.97 -11.22 4.70
C VAL A 111 -2.51 -11.31 5.11
N GLN A 112 -1.65 -11.45 4.09
CA GLN A 112 -0.23 -11.62 4.35
C GLN A 112 0.37 -10.35 4.95
N ILE A 113 -0.08 -9.17 4.51
CA ILE A 113 0.43 -7.89 4.98
C ILE A 113 -0.75 -6.94 5.19
N ILE A 114 -0.85 -6.37 6.39
CA ILE A 114 -1.83 -5.33 6.68
C ILE A 114 -1.11 -3.98 6.62
N ALA A 115 -1.61 -3.07 5.77
CA ALA A 115 -1.02 -1.76 5.59
C ALA A 115 -1.87 -0.72 6.31
N ILE A 116 -1.20 0.27 6.93
CA ILE A 116 -1.84 1.24 7.82
C ILE A 116 -1.23 2.62 7.57
N ASP A 117 -2.07 3.66 7.52
CA ASP A 117 -1.55 5.03 7.52
C ASP A 117 -0.68 5.20 8.76
N ALA A 118 0.61 5.49 8.53
CA ALA A 118 1.60 5.68 9.58
C ALA A 118 2.16 7.09 9.59
N THR A 119 1.38 8.05 9.09
CA THR A 119 1.77 9.45 9.17
C THR A 119 1.60 9.95 10.59
N LYS A 120 2.10 11.17 10.82
CA LYS A 120 2.04 11.77 12.14
C LYS A 120 0.71 12.46 12.41
N ARG A 121 -0.24 12.39 11.48
CA ARG A 121 -1.48 13.11 11.60
C ARG A 121 -2.38 12.49 12.68
N GLU A 122 -3.27 13.30 13.24
CA GLU A 122 -4.14 12.84 14.31
C GLU A 122 -5.14 11.81 13.78
N ARG A 123 -5.27 10.70 14.50
CA ARG A 123 -6.11 9.58 14.08
C ARG A 123 -7.57 9.82 14.42
N PRO A 124 -8.49 9.09 13.77
CA PRO A 124 -9.92 9.26 14.10
C PRO A 124 -10.25 8.89 15.55
N ASP A 125 -9.59 7.88 16.12
CA ASP A 125 -9.83 7.51 17.51
C ASP A 125 -8.90 8.22 18.48
N ARG A 126 -8.16 9.24 18.02
CA ARG A 126 -7.33 10.09 18.87
C ARG A 126 -6.37 9.28 19.74
N LYS A 127 -5.82 8.22 19.16
CA LYS A 127 -4.88 7.35 19.82
C LYS A 127 -3.49 7.56 19.21
N ASP A 128 -2.45 7.50 20.04
CA ASP A 128 -1.10 7.68 19.49
C ASP A 128 -0.75 6.52 18.55
N LEU A 129 0.03 6.83 17.52
CA LEU A 129 0.49 5.77 16.62
C LEU A 129 1.45 4.81 17.32
N LYS A 130 2.25 5.31 18.26
CA LYS A 130 3.17 4.43 18.99
C LYS A 130 2.42 3.37 19.77
N ASN A 131 1.34 3.75 20.47
CA ASN A 131 0.55 2.77 21.21
C ASN A 131 -0.20 1.86 20.27
N PHE A 132 -0.85 2.44 19.25
CA PHE A 132 -1.69 1.69 18.33
C PHE A 132 -0.94 0.48 17.76
N ILE A 133 0.28 0.71 17.27
CA ILE A 133 1.08 -0.37 16.71
C ILE A 133 1.54 -1.33 17.80
N ALA A 134 1.83 -0.80 19.00
CA ALA A 134 2.19 -1.69 20.11
C ALA A 134 1.04 -2.62 20.46
N GLU A 135 -0.21 -2.16 20.32
CA GLU A 135 -1.36 -2.96 20.69
C GLU A 135 -1.61 -4.09 19.70
N ILE A 136 -1.40 -3.82 18.41
CA ILE A 136 -1.66 -4.86 17.42
C ILE A 136 -0.45 -5.80 17.30
N LYS A 137 0.76 -5.32 17.60
CA LYS A 137 1.91 -6.21 17.61
C LYS A 137 1.85 -7.16 18.79
N GLU A 138 1.38 -6.67 19.94
CA GLU A 138 1.10 -7.54 21.07
C GLU A 138 -0.03 -8.51 20.74
N LYS A 139 -1.11 -8.00 20.14
CA LYS A 139 -2.32 -8.78 19.90
C LYS A 139 -2.15 -9.78 18.77
N TYR A 140 -1.48 -9.39 17.69
CA TYR A 140 -1.32 -10.21 16.48
C TYR A 140 0.16 -10.39 16.21
N PRO A 141 0.86 -11.19 17.02
CA PRO A 141 2.32 -11.15 17.04
C PRO A 141 2.99 -11.80 15.85
N ASN A 142 2.27 -12.55 15.03
CA ASN A 142 2.84 -13.13 13.82
C ASN A 142 2.40 -12.41 12.55
N GLN A 143 1.71 -11.28 12.66
CA GLN A 143 1.17 -10.59 11.49
C GLN A 143 2.15 -9.53 10.97
N LEU A 144 2.43 -9.59 9.67
CA LEU A 144 3.27 -8.57 9.05
C LEU A 144 2.50 -7.29 8.85
N PHE A 145 3.07 -6.18 9.34
CA PHE A 145 2.46 -4.87 9.28
C PHE A 145 3.32 -3.92 8.47
N MET A 146 2.69 -3.21 7.54
CA MET A 146 3.34 -2.26 6.65
C MET A 146 2.92 -0.83 6.98
N ALA A 147 3.87 0.10 6.91
CA ALA A 147 3.67 1.50 7.27
C ALA A 147 3.57 2.34 6.00
N ASP A 148 2.38 2.90 5.74
CA ASP A 148 2.19 3.87 4.67
C ASP A 148 2.58 5.24 5.22
N ILE A 149 3.68 5.81 4.74
CA ILE A 149 4.21 7.07 5.27
C ILE A 149 4.27 8.11 4.15
N SER A 150 4.57 9.37 4.54
CA SER A 150 4.69 10.43 3.55
C SER A 150 6.06 11.10 3.54
N SER A 151 6.86 10.95 4.59
CA SER A 151 8.15 11.61 4.67
C SER A 151 9.17 10.63 5.23
N VAL A 152 10.45 11.00 5.09
CA VAL A 152 11.53 10.19 5.62
C VAL A 152 11.48 10.13 7.15
N ASP A 153 11.25 11.27 7.80
CA ASP A 153 11.04 11.28 9.25
C ASP A 153 10.04 10.22 9.68
N GLU A 154 8.88 10.17 9.01
CA GLU A 154 7.84 9.21 9.42
C GLU A 154 8.25 7.78 9.13
N ALA A 155 9.03 7.57 8.07
CA ALA A 155 9.52 6.23 7.73
C ALA A 155 10.52 5.72 8.77
N LEU A 156 11.42 6.59 9.24
CA LEU A 156 12.33 6.18 10.31
C LEU A 156 11.56 5.94 11.59
N TYR A 157 10.58 6.80 11.89
CA TYR A 157 9.77 6.62 13.10
C TYR A 157 9.01 5.29 13.05
N ALA A 158 8.39 4.99 11.91
CA ALA A 158 7.70 3.72 11.77
C ALA A 158 8.61 2.55 12.04
N GLU A 159 9.88 2.67 11.63
CA GLU A 159 10.85 1.60 11.82
C GLU A 159 11.12 1.37 13.30
N LYS A 160 11.31 2.46 14.04
CA LYS A 160 11.68 2.34 15.46
C LYS A 160 10.52 1.89 16.33
N ILE A 161 9.28 2.26 15.96
CA ILE A 161 8.11 1.82 16.73
C ILE A 161 7.63 0.42 16.33
N GLY A 162 8.32 -0.25 15.42
CA GLY A 162 8.14 -1.68 15.24
C GLY A 162 7.47 -2.18 13.97
N PHE A 163 7.32 -1.34 12.94
CA PHE A 163 6.75 -1.81 11.69
C PHE A 163 7.73 -2.74 10.96
N ASP A 164 7.17 -3.64 10.14
CA ASP A 164 7.98 -4.61 9.41
C ASP A 164 8.38 -4.11 8.03
N ILE A 165 7.58 -3.23 7.45
CA ILE A 165 7.73 -2.72 6.09
C ILE A 165 7.32 -1.27 6.12
N VAL A 166 7.96 -0.44 5.28
CA VAL A 166 7.42 0.89 5.01
C VAL A 166 7.15 1.01 3.52
N GLY A 167 6.23 1.91 3.18
CA GLY A 167 5.87 2.21 1.82
C GLY A 167 5.73 3.71 1.64
N THR A 168 6.13 4.21 0.48
CA THR A 168 6.12 5.64 0.19
C THR A 168 4.74 6.08 -0.29
N THR A 169 3.69 5.37 0.17
CA THR A 169 2.35 5.46 -0.40
C THR A 169 1.75 6.87 -0.29
N LEU A 170 2.03 7.56 0.81
CA LEU A 170 1.38 8.85 1.06
C LEU A 170 2.28 10.03 0.74
N VAL A 171 3.40 9.79 0.04
CA VAL A 171 4.26 10.89 -0.37
C VAL A 171 3.50 11.83 -1.29
N GLY A 172 3.48 13.11 -0.95
CA GLY A 172 2.70 14.09 -1.68
C GLY A 172 1.25 14.18 -1.29
N TYR A 173 0.78 13.37 -0.33
CA TYR A 173 -0.62 13.33 0.06
C TYR A 173 -0.85 13.94 1.43
N THR A 174 0.13 14.64 2.00
CA THR A 174 -0.03 15.35 3.25
C THR A 174 0.41 16.78 3.04
N ASP A 175 -0.16 17.69 3.85
CA ASP A 175 0.18 19.10 3.71
C ASP A 175 1.68 19.33 3.76
N TYR A 176 2.36 18.61 4.64
CA TYR A 176 3.78 18.82 4.86
C TYR A 176 4.66 18.14 3.82
N THR A 177 4.08 17.46 2.81
CA THR A 177 4.84 16.91 1.70
C THR A 177 4.22 17.27 0.35
N LYS A 178 3.51 18.40 0.29
CA LYS A 178 2.91 18.84 -0.97
C LYS A 178 3.99 18.97 -2.04
N ASN A 179 3.74 18.32 -3.18
CA ASN A 179 4.59 18.30 -4.38
C ASN A 179 5.84 17.43 -4.25
N TYR A 180 5.98 16.64 -3.19
CA TYR A 180 7.12 15.72 -3.11
C TYR A 180 7.02 14.67 -4.21
N LYS A 181 8.14 14.39 -4.87
CA LYS A 181 8.18 13.33 -5.89
C LYS A 181 8.39 11.96 -5.26
N ALA A 182 7.71 10.96 -5.81
CA ALA A 182 7.82 9.58 -5.35
C ALA A 182 9.27 9.12 -5.30
N LEU A 183 9.92 9.14 -6.46
CA LEU A 183 11.30 8.68 -6.54
C LEU A 183 12.23 9.55 -5.70
N GLU A 184 11.99 10.86 -5.66
CA GLU A 184 12.91 11.73 -4.91
C GLU A 184 12.86 11.44 -3.43
N GLU A 185 11.67 11.27 -2.85
CA GLU A 185 11.61 10.91 -1.45
C GLU A 185 12.05 9.47 -1.20
N LEU A 186 11.91 8.60 -2.20
CA LEU A 186 12.31 7.19 -2.05
C LEU A 186 13.81 7.07 -1.76
N LYS A 187 14.64 7.74 -2.55
CA LYS A 187 16.07 7.61 -2.34
C LYS A 187 16.51 8.26 -1.05
N LYS A 188 15.70 9.16 -0.47
CA LYS A 188 16.02 9.60 0.88
C LYS A 188 15.64 8.53 1.91
N VAL A 189 14.44 7.94 1.78
CA VAL A 189 14.01 6.89 2.70
C VAL A 189 14.97 5.71 2.67
N VAL A 190 15.33 5.25 1.48
CA VAL A 190 16.07 3.99 1.33
C VAL A 190 17.46 4.08 1.97
N LYS A 191 18.06 5.26 1.98
CA LYS A 191 19.43 5.34 2.45
C LYS A 191 19.53 5.35 3.98
N VAL A 192 18.44 5.58 4.71
CA VAL A 192 18.49 5.62 6.17
C VAL A 192 17.61 4.56 6.84
N VAL A 193 16.74 3.89 6.11
CA VAL A 193 15.88 2.85 6.66
C VAL A 193 16.50 1.48 6.36
N LYS A 194 16.40 0.55 7.31
CA LYS A 194 16.98 -0.78 7.16
C LYS A 194 15.95 -1.86 6.81
N ILE A 195 14.74 -1.76 7.34
CA ILE A 195 13.65 -2.68 6.98
C ILE A 195 13.28 -2.45 5.52
N PRO A 196 12.59 -3.38 4.87
CA PRO A 196 12.23 -3.18 3.45
C PRO A 196 11.38 -1.94 3.21
N VAL A 197 11.78 -1.15 2.23
CA VAL A 197 11.03 0.00 1.76
C VAL A 197 10.40 -0.37 0.43
N ILE A 198 9.07 -0.32 0.38
CA ILE A 198 8.32 -0.60 -0.84
C ILE A 198 7.97 0.74 -1.50
N ALA A 199 8.34 0.88 -2.77
CA ALA A 199 8.02 2.08 -3.54
C ALA A 199 6.58 1.99 -4.02
N GLU A 200 5.80 3.00 -3.70
CA GLU A 200 4.38 2.94 -3.97
C GLU A 200 3.84 4.36 -4.02
N GLY A 201 2.95 4.62 -4.98
CA GLY A 201 2.36 5.93 -5.11
C GLY A 201 2.90 6.62 -6.34
N ASN A 202 2.09 6.68 -7.40
CA ASN A 202 2.43 7.37 -8.64
C ASN A 202 3.63 6.73 -9.35
N ILE A 203 3.84 5.43 -9.17
CA ILE A 203 4.81 4.68 -10.00
C ILE A 203 4.03 4.27 -11.24
N ASP A 204 3.95 5.19 -12.20
CA ASP A 204 2.99 5.03 -13.29
C ASP A 204 3.62 4.77 -14.66
N THR A 205 4.92 4.48 -14.74
CA THR A 205 5.53 4.02 -15.99
C THR A 205 6.49 2.87 -15.71
N PRO A 206 6.69 1.97 -16.67
CA PRO A 206 7.68 0.89 -16.47
C PRO A 206 9.06 1.41 -16.13
N LEU A 207 9.43 2.57 -16.68
CA LEU A 207 10.76 3.12 -16.46
C LEU A 207 10.92 3.61 -15.02
N LYS A 208 9.90 4.31 -14.49
CA LYS A 208 9.90 4.68 -13.08
C LYS A 208 9.98 3.47 -12.16
N ALA A 209 9.38 2.35 -12.57
CA ALA A 209 9.45 1.14 -11.76
C ALA A 209 10.85 0.52 -11.79
N LYS A 210 11.53 0.62 -12.94
CA LYS A 210 12.93 0.22 -12.98
C LYS A 210 13.77 1.13 -12.09
N LYS A 211 13.58 2.45 -12.21
CA LYS A 211 14.38 3.37 -11.39
C LYS A 211 14.14 3.15 -9.90
N ALA A 212 12.92 2.79 -9.53
CA ALA A 212 12.63 2.55 -8.12
C ALA A 212 13.46 1.39 -7.58
N LEU A 213 13.57 0.29 -8.34
CA LEU A 213 14.44 -0.82 -7.92
C LEU A 213 15.90 -0.39 -7.94
N GLU A 214 16.31 0.36 -8.96
CA GLU A 214 17.70 0.83 -9.04
C GLU A 214 18.04 1.77 -7.89
N ILE A 215 17.05 2.53 -7.41
CA ILE A 215 17.27 3.35 -6.22
C ILE A 215 17.46 2.49 -4.97
N GLY A 216 16.81 1.33 -4.90
CA GLY A 216 16.98 0.47 -3.73
C GLY A 216 15.69 0.00 -3.09
N ALA A 217 14.57 0.22 -3.76
CA ALA A 217 13.31 -0.28 -3.24
C ALA A 217 13.36 -1.80 -3.13
N PHE A 218 12.67 -2.32 -2.12
CA PHE A 218 12.57 -3.76 -1.92
C PHE A 218 11.56 -4.39 -2.88
N ALA A 219 10.50 -3.63 -3.24
CA ALA A 219 9.51 -4.04 -4.23
C ALA A 219 8.81 -2.77 -4.68
N VAL A 220 8.02 -2.89 -5.75
CA VAL A 220 7.35 -1.73 -6.34
C VAL A 220 5.86 -2.06 -6.46
N VAL A 221 5.02 -1.10 -6.06
CA VAL A 221 3.56 -1.19 -6.20
C VAL A 221 3.14 -0.24 -7.32
N VAL A 222 2.37 -0.76 -8.29
CA VAL A 222 1.76 0.01 -9.37
C VAL A 222 0.25 -0.15 -9.30
N GLY A 223 -0.46 0.95 -9.32
CA GLY A 223 -1.90 0.89 -9.25
C GLY A 223 -2.56 1.33 -10.55
N GLY A 224 -2.91 2.63 -10.60
CA GLY A 224 -3.79 3.10 -11.65
C GLY A 224 -3.27 2.85 -13.04
N ALA A 225 -1.94 2.95 -13.23
CA ALA A 225 -1.38 2.77 -14.56
C ALA A 225 -1.64 1.37 -15.09
N ILE A 226 -2.04 0.42 -14.24
CA ILE A 226 -2.47 -0.90 -14.68
C ILE A 226 -3.98 -1.07 -14.54
N THR A 227 -4.56 -0.62 -13.43
CA THR A 227 -5.92 -1.04 -13.05
C THR A 227 -6.96 0.08 -13.03
N ARG A 228 -6.64 1.30 -13.45
CA ARG A 228 -7.68 2.34 -13.62
C ARG A 228 -7.73 2.76 -15.07
N PRO A 229 -8.47 2.03 -15.91
CA PRO A 229 -8.51 2.36 -17.35
C PRO A 229 -8.98 3.77 -17.65
N GLN A 230 -9.82 4.37 -16.81
CA GLN A 230 -10.22 5.73 -17.10
C GLN A 230 -9.04 6.67 -16.94
N GLN A 231 -8.10 6.35 -16.05
CA GLN A 231 -6.99 7.28 -15.89
C GLN A 231 -5.93 7.04 -16.95
N ILE A 232 -5.82 5.81 -17.46
CA ILE A 232 -4.99 5.56 -18.64
C ILE A 232 -5.60 6.24 -19.86
N THR A 233 -6.92 6.13 -20.02
CA THR A 233 -7.60 6.78 -21.14
C THR A 233 -7.37 8.27 -21.12
N LYS A 234 -7.46 8.91 -19.95
CA LYS A 234 -7.29 10.35 -19.89
C LYS A 234 -5.88 10.78 -20.30
N LYS A 235 -4.88 9.92 -20.11
CA LYS A 235 -3.53 10.24 -20.60
C LYS A 235 -3.50 10.27 -22.13
N PHE A 236 -4.12 9.28 -22.77
CA PHE A 236 -4.23 9.30 -24.23
C PHE A 236 -4.99 10.53 -24.73
N VAL A 237 -6.17 10.78 -24.14
CA VAL A 237 -7.03 11.87 -24.61
C VAL A 237 -6.30 13.21 -24.51
N ASP A 238 -5.63 13.46 -23.39
CA ASP A 238 -5.01 14.77 -23.19
C ASP A 238 -3.83 15.01 -24.11
N GLU A 239 -3.20 13.97 -24.66
CA GLU A 239 -2.14 14.18 -25.62
C GLU A 239 -2.64 14.18 -27.05
N MET A 240 -3.94 13.98 -27.26
CA MET A 240 -4.55 14.06 -28.57
C MET A 240 -5.23 15.40 -28.83
N LYS A 241 -5.06 16.38 -27.94
CA LYS A 241 -5.58 17.73 -28.19
C LYS A 241 -4.49 18.68 -28.63
#